data_3KE9
#
_entry.id   3KE9
#
_cell.length_a   69.610
_cell.length_b   80.830
_cell.length_c   112.690
_cell.angle_alpha   90.00
_cell.angle_beta   90.00
_cell.angle_gamma   90.00
#
_symmetry.space_group_name_H-M   'P 21 21 21'
#
loop_
_entity.id
_entity.type
_entity.pdbx_description
1 polymer '4-hydroxy-3-methylbut-2-enyl diphosphate reductase'
2 non-polymer 'IRON/SULFUR CLUSTER'
3 non-polymer '3-METHYLBUT-3-ENYL TRIHYDROGEN DIPHOSPHATE'
4 water water
#
_entity_poly.entity_id   1
_entity_poly.type   'polypeptide(L)'
_entity_poly.pdbx_seq_one_letter_code
;MRGSHHHHHHMQILLANPRGFCAGVDRAISIVENALAIYGAPIYVRHEVVHNRYVVDSLRERGAIFIEQISEVPDGAILI
FSAHGVSQAVRNEAKSRDLTVFDATCPLVTKVHMEVARASRRGEESILIGHAGHPEVEGTMGQYSNPEGGMYLVESPDDV
WKLTVKNEEKLSFMTQTTLSVDDTSDVIDALRKRFPKIVGPRKDDICYATTNRQEAVRALAEQAEVVLVVGSKNSSNSNR
LAELAQRMGKRAFLIDDAKDIQEEWVKEVKCVGVTAGASAPDILVQNVVARLQQLGGGEAIPLEGREENIVFEVPKELRV
DIREVD
;
_entity_poly.pdbx_strand_id   A,B
#
# COMPACT_ATOMS: atom_id res chain seq x y z
N MET A 11 28.69 -4.78 27.81
CA MET A 11 27.29 -5.03 27.36
C MET A 11 27.11 -4.63 25.91
N GLN A 12 26.52 -5.51 25.12
CA GLN A 12 26.28 -5.26 23.71
C GLN A 12 24.87 -4.69 23.51
N ILE A 13 24.76 -3.68 22.66
CA ILE A 13 23.47 -3.05 22.38
C ILE A 13 23.03 -3.35 20.96
N LEU A 14 21.88 -3.99 20.84
CA LEU A 14 21.32 -4.32 19.53
C LEU A 14 20.12 -3.44 19.22
N LEU A 15 20.00 -3.07 17.95
CA LEU A 15 18.89 -2.23 17.50
C LEU A 15 18.06 -3.00 16.49
N ALA A 16 16.78 -3.15 16.78
CA ALA A 16 15.86 -3.87 15.90
C ALA A 16 15.64 -3.07 14.63
N ASN A 17 15.35 -3.78 13.54
CA ASN A 17 15.10 -3.14 12.25
C ASN A 17 14.12 -3.95 11.43
N PRO A 18 13.03 -3.32 10.96
CA PRO A 18 12.73 -1.90 11.21
C PRO A 18 12.18 -1.59 12.60
N ARG A 19 12.18 -0.30 12.93
CA ARG A 19 11.70 0.20 14.21
C ARG A 19 11.26 1.65 13.99
N GLY A 20 10.53 2.20 14.94
CA GLY A 20 10.11 3.59 14.85
C GLY A 20 9.07 3.96 13.82
N PHE A 21 9.06 5.25 13.48
CA PHE A 21 8.10 5.83 12.54
C PHE A 21 7.72 5.02 11.32
N CYS A 22 6.43 4.87 11.10
CA CYS A 22 5.88 4.18 9.94
C CYS A 22 5.44 5.30 9.00
N ALA A 23 4.97 4.96 7.81
CA ALA A 23 4.54 5.96 6.82
C ALA A 23 3.31 6.77 7.27
N GLY A 24 2.40 6.11 7.98
CA GLY A 24 1.20 6.78 8.45
C GLY A 24 1.51 7.84 9.48
N VAL A 25 2.34 7.49 10.45
CA VAL A 25 2.73 8.44 11.50
C VAL A 25 3.47 9.65 10.93
N ASP A 26 4.47 9.39 10.10
CA ASP A 26 5.23 10.47 9.50
C ASP A 26 4.31 11.45 8.77
N ARG A 27 3.32 10.91 8.06
CA ARG A 27 2.37 11.73 7.34
C ARG A 27 1.49 12.54 8.29
N ALA A 28 0.96 11.88 9.32
CA ALA A 28 0.09 12.56 10.27
C ALA A 28 0.79 13.73 10.97
N ILE A 29 2.05 13.53 11.35
CA ILE A 29 2.80 14.59 12.01
C ILE A 29 3.04 15.73 11.03
N SER A 30 3.45 15.40 9.80
CA SER A 30 3.68 16.43 8.80
C SER A 30 2.41 17.24 8.53
N ILE A 31 1.25 16.58 8.57
CA ILE A 31 -0.01 17.25 8.32
C ILE A 31 -0.21 18.37 9.37
N VAL A 32 0.03 18.04 10.63
CA VAL A 32 -0.13 19.04 11.69
C VAL A 32 0.91 20.14 11.59
N GLU A 33 2.17 19.78 11.36
CA GLU A 33 3.24 20.77 11.25
C GLU A 33 2.99 21.74 10.09
N ASN A 34 2.66 21.21 8.93
CA ASN A 34 2.40 22.04 7.75
C ASN A 34 1.16 22.90 7.91
N ALA A 35 0.14 22.38 8.58
CA ALA A 35 -1.08 23.15 8.80
C ALA A 35 -0.67 24.36 9.65
N LEU A 36 0.10 24.10 10.69
CA LEU A 36 0.57 25.15 11.60
C LEU A 36 1.44 26.17 10.87
N ALA A 37 2.25 25.70 9.93
CA ALA A 37 3.13 26.60 9.18
C ALA A 37 2.35 27.41 8.16
N ILE A 38 1.26 26.83 7.66
CA ILE A 38 0.44 27.50 6.66
C ILE A 38 -0.59 28.45 7.25
N TYR A 39 -1.29 28.00 8.29
CA TYR A 39 -2.32 28.81 8.92
C TYR A 39 -1.94 29.39 10.28
N GLY A 40 -0.73 29.08 10.74
CA GLY A 40 -0.29 29.59 12.03
C GLY A 40 -1.04 28.96 13.18
N ALA A 41 -0.60 29.24 14.41
CA ALA A 41 -1.26 28.70 15.58
C ALA A 41 -2.51 29.52 15.89
N PRO A 42 -3.51 28.90 16.55
CA PRO A 42 -3.48 27.50 16.99
C PRO A 42 -4.19 26.59 15.99
N ILE A 43 -3.88 25.30 16.08
CA ILE A 43 -4.48 24.28 15.22
C ILE A 43 -5.01 23.24 16.18
N TYR A 44 -6.30 22.94 16.10
CA TYR A 44 -6.88 21.95 17.00
C TYR A 44 -6.80 20.54 16.43
N VAL A 45 -6.47 19.59 17.29
CA VAL A 45 -6.36 18.18 16.89
C VAL A 45 -7.19 17.34 17.84
N ARG A 46 -8.08 16.52 17.28
CA ARG A 46 -8.93 15.65 18.08
C ARG A 46 -8.13 14.43 18.56
N HIS A 47 -7.83 14.41 19.85
CA HIS A 47 -7.05 13.33 20.45
C HIS A 47 -5.62 13.45 19.95
N GLU A 48 -4.68 12.80 20.65
CA GLU A 48 -3.28 12.84 20.24
C GLU A 48 -3.21 12.42 18.78
N VAL A 49 -2.50 13.19 17.96
CA VAL A 49 -2.40 12.86 16.54
C VAL A 49 -1.88 11.42 16.40
N VAL A 50 -0.91 11.06 17.23
CA VAL A 50 -0.35 9.70 17.29
C VAL A 50 -0.11 9.47 18.78
N HIS A 51 -0.09 8.21 19.21
CA HIS A 51 0.10 7.93 20.64
C HIS A 51 1.53 7.99 21.15
N ASN A 52 2.11 9.19 21.15
CA ASN A 52 3.46 9.40 21.65
C ASN A 52 3.54 10.73 22.37
N ARG A 53 3.84 10.65 23.66
CA ARG A 53 3.94 11.83 24.51
C ARG A 53 4.91 12.90 23.98
N TYR A 54 6.10 12.49 23.54
CA TYR A 54 7.07 13.47 23.02
C TYR A 54 6.59 14.16 21.75
N VAL A 55 6.07 13.37 20.81
CA VAL A 55 5.56 13.93 19.56
C VAL A 55 4.47 14.96 19.84
N VAL A 56 3.53 14.59 20.70
CA VAL A 56 2.44 15.49 21.06
C VAL A 56 2.97 16.77 21.70
N ASP A 57 3.94 16.63 22.60
CA ASP A 57 4.53 17.80 23.27
C ASP A 57 5.18 18.71 22.23
N SER A 58 5.99 18.14 21.35
CA SER A 58 6.66 18.92 20.32
C SER A 58 5.67 19.73 19.49
N LEU A 59 4.53 19.13 19.16
CA LEU A 59 3.50 19.79 18.38
C LEU A 59 2.84 20.94 19.14
N ARG A 60 2.61 20.74 20.45
CA ARG A 60 2.02 21.81 21.24
C ARG A 60 2.95 23.02 21.16
N GLU A 61 4.25 22.76 21.25
CA GLU A 61 5.25 23.82 21.17
C GLU A 61 5.09 24.61 19.89
N ARG A 62 4.78 23.91 18.81
CA ARG A 62 4.62 24.57 17.52
C ARG A 62 3.25 25.25 17.38
N GLY A 63 2.37 25.05 18.36
CA GLY A 63 1.07 25.69 18.32
C GLY A 63 -0.19 24.83 18.25
N ALA A 64 -0.04 23.51 18.36
CA ALA A 64 -1.19 22.63 18.30
C ALA A 64 -1.92 22.47 19.64
N ILE A 65 -3.25 22.35 19.57
CA ILE A 65 -4.07 22.16 20.76
C ILE A 65 -4.88 20.89 20.62
N PHE A 66 -4.59 19.91 21.48
CA PHE A 66 -5.29 18.63 21.43
C PHE A 66 -6.50 18.58 22.35
N ILE A 67 -7.67 18.31 21.77
CA ILE A 67 -8.91 18.23 22.52
C ILE A 67 -9.55 16.85 22.36
N GLU A 68 -10.49 16.51 23.24
CA GLU A 68 -11.16 15.21 23.18
C GLU A 68 -12.52 15.24 22.49
N GLN A 69 -13.21 16.37 22.57
CA GLN A 69 -14.51 16.49 21.93
C GLN A 69 -14.62 17.74 21.08
N ILE A 70 -15.31 17.61 19.95
CA ILE A 70 -15.49 18.71 19.02
C ILE A 70 -16.05 19.97 19.69
N SER A 71 -16.78 19.79 20.78
CA SER A 71 -17.35 20.93 21.51
C SER A 71 -16.25 21.88 21.94
N GLU A 72 -15.12 21.32 22.36
CA GLU A 72 -13.98 22.10 22.81
C GLU A 72 -13.41 22.99 21.70
N VAL A 73 -13.71 22.63 20.45
CA VAL A 73 -13.21 23.39 19.31
C VAL A 73 -14.07 24.59 18.94
N PRO A 74 -13.48 25.80 18.96
CA PRO A 74 -14.16 27.06 18.63
C PRO A 74 -14.64 27.11 17.18
N ASP A 75 -15.60 27.98 16.91
CA ASP A 75 -16.11 28.14 15.55
C ASP A 75 -15.09 28.88 14.71
N GLY A 76 -14.86 28.41 13.49
CA GLY A 76 -13.90 29.05 12.61
C GLY A 76 -12.49 28.52 12.76
N ALA A 77 -12.31 27.55 13.66
CA ALA A 77 -11.01 26.96 13.92
C ALA A 77 -10.70 25.79 12.99
N ILE A 78 -9.40 25.50 12.81
CA ILE A 78 -8.95 24.39 11.98
C ILE A 78 -8.90 23.15 12.86
N LEU A 79 -9.45 22.05 12.37
CA LEU A 79 -9.47 20.80 13.12
C LEU A 79 -8.77 19.71 12.32
N ILE A 80 -8.02 18.86 13.01
CA ILE A 80 -7.35 17.76 12.35
C ILE A 80 -7.72 16.47 13.05
N PHE A 81 -8.11 15.47 12.27
CA PHE A 81 -8.49 14.16 12.80
C PHE A 81 -7.20 13.38 13.01
N SER A 82 -7.11 12.63 14.12
CA SER A 82 -5.87 11.89 14.40
C SER A 82 -5.64 10.74 13.42
N ALA A 83 -4.42 10.22 13.41
CA ALA A 83 -4.03 9.14 12.52
C ALA A 83 -4.84 7.87 12.72
N HIS A 84 -5.41 7.71 13.91
CA HIS A 84 -6.18 6.53 14.23
C HIS A 84 -7.56 6.49 13.55
N GLY A 85 -8.01 7.62 13.01
CA GLY A 85 -9.30 7.67 12.34
C GLY A 85 -10.46 8.02 13.25
N VAL A 86 -11.60 8.36 12.65
CA VAL A 86 -12.81 8.72 13.40
C VAL A 86 -14.07 8.12 12.81
N SER A 87 -15.11 8.02 13.63
CA SER A 87 -16.39 7.47 13.20
C SER A 87 -17.09 8.46 12.28
N GLN A 88 -18.08 7.98 11.52
CA GLN A 88 -18.81 8.87 10.63
C GLN A 88 -19.53 9.94 11.43
N ALA A 89 -19.97 9.58 12.63
CA ALA A 89 -20.68 10.52 13.50
C ALA A 89 -19.78 11.72 13.80
N VAL A 90 -18.54 11.45 14.15
CA VAL A 90 -17.60 12.52 14.44
C VAL A 90 -17.38 13.36 13.19
N ARG A 91 -17.12 12.70 12.07
CA ARG A 91 -16.89 13.39 10.81
C ARG A 91 -18.08 14.28 10.49
N ASN A 92 -19.29 13.79 10.76
CA ASN A 92 -20.49 14.58 10.51
C ASN A 92 -20.60 15.74 11.49
N GLU A 93 -20.31 15.47 12.75
CA GLU A 93 -20.38 16.49 13.79
C GLU A 93 -19.44 17.66 13.50
N ALA A 94 -18.31 17.36 12.85
CA ALA A 94 -17.34 18.38 12.50
C ALA A 94 -17.79 19.13 11.25
N LYS A 95 -18.48 18.41 10.37
CA LYS A 95 -18.97 19.01 9.12
C LYS A 95 -20.22 19.84 9.37
N SER A 96 -20.96 19.51 10.42
CA SER A 96 -22.18 20.25 10.76
C SER A 96 -21.80 21.53 11.48
N ARG A 97 -20.51 21.68 11.74
CA ARG A 97 -19.99 22.87 12.44
C ARG A 97 -19.22 23.75 11.44
N ASP A 98 -18.93 24.97 11.87
CA ASP A 98 -18.18 25.91 11.04
C ASP A 98 -16.69 25.64 11.27
N LEU A 99 -16.26 24.43 10.90
CA LEU A 99 -14.87 24.03 11.08
C LEU A 99 -14.19 23.56 9.81
N THR A 100 -12.92 23.94 9.66
CA THR A 100 -12.12 23.52 8.52
C THR A 100 -11.41 22.27 8.99
N VAL A 101 -11.62 21.16 8.28
CA VAL A 101 -11.03 19.89 8.69
C VAL A 101 -9.98 19.30 7.76
N PHE A 102 -8.95 18.72 8.37
CA PHE A 102 -7.86 18.05 7.67
C PHE A 102 -7.78 16.67 8.32
N ASP A 103 -7.88 15.63 7.50
CA ASP A 103 -7.87 14.25 7.98
C ASP A 103 -6.51 13.59 7.92
N ALA A 104 -5.92 13.33 9.09
CA ALA A 104 -4.62 12.69 9.18
C ALA A 104 -4.73 11.17 9.34
N THR A 105 -5.94 10.65 9.18
CA THR A 105 -6.16 9.22 9.30
C THR A 105 -5.21 8.51 8.35
N CYS A 106 -4.55 7.47 8.82
CA CYS A 106 -3.63 6.74 7.95
C CYS A 106 -4.41 6.05 6.84
N PRO A 107 -3.87 6.06 5.62
CA PRO A 107 -4.51 5.42 4.47
C PRO A 107 -4.88 3.96 4.71
N LEU A 108 -4.05 3.27 5.49
CA LEU A 108 -4.28 1.86 5.78
C LEU A 108 -5.45 1.65 6.73
N VAL A 109 -5.77 2.67 7.51
CA VAL A 109 -6.92 2.61 8.42
C VAL A 109 -8.15 2.93 7.58
N THR A 110 -8.02 3.96 6.74
CA THR A 110 -9.11 4.37 5.86
C THR A 110 -9.55 3.18 5.00
N LYS A 111 -8.59 2.38 4.55
CA LYS A 111 -8.90 1.23 3.71
C LYS A 111 -9.86 0.28 4.43
N VAL A 112 -9.65 0.08 5.73
CA VAL A 112 -10.52 -0.79 6.51
C VAL A 112 -11.87 -0.11 6.67
N HIS A 113 -11.83 1.21 6.88
CA HIS A 113 -13.06 2.01 7.01
C HIS A 113 -13.99 1.76 5.83
N MET A 114 -13.45 1.87 4.62
CA MET A 114 -14.24 1.68 3.41
C MET A 114 -14.93 0.32 3.41
N GLU A 115 -14.16 -0.75 3.61
CA GLU A 115 -14.74 -2.09 3.63
C GLU A 115 -15.90 -2.22 4.60
N VAL A 116 -15.81 -1.50 5.72
CA VAL A 116 -16.88 -1.55 6.71
C VAL A 116 -18.11 -0.82 6.20
N ALA A 117 -17.92 0.42 5.75
CA ALA A 117 -19.03 1.21 5.22
C ALA A 117 -19.69 0.44 4.07
N ARG A 118 -18.88 -0.27 3.28
CA ARG A 118 -19.40 -1.04 2.15
C ARG A 118 -20.32 -2.14 2.66
N ALA A 119 -19.87 -2.89 3.66
CA ALA A 119 -20.67 -3.97 4.23
C ALA A 119 -21.93 -3.38 4.85
N SER A 120 -21.81 -2.17 5.39
CA SER A 120 -22.93 -1.49 6.01
C SER A 120 -24.03 -1.12 5.02
N ARG A 121 -23.62 -0.79 3.79
CA ARG A 121 -24.58 -0.43 2.75
C ARG A 121 -25.28 -1.66 2.18
N ARG A 122 -24.62 -2.80 2.28
CA ARG A 122 -25.19 -4.05 1.78
C ARG A 122 -25.92 -4.80 2.89
N GLY A 123 -26.22 -4.08 3.97
CA GLY A 123 -26.93 -4.65 5.11
C GLY A 123 -26.34 -5.96 5.64
N GLU A 124 -25.09 -6.25 5.29
CA GLU A 124 -24.43 -7.47 5.73
C GLU A 124 -23.58 -7.24 6.99
N GLU A 125 -23.79 -8.11 7.98
CA GLU A 125 -23.08 -8.01 9.25
C GLU A 125 -21.57 -8.17 9.12
N SER A 126 -20.83 -7.41 9.93
CA SER A 126 -19.38 -7.48 9.91
C SER A 126 -18.85 -7.64 11.34
N ILE A 127 -17.71 -8.32 11.46
CA ILE A 127 -17.09 -8.54 12.75
C ILE A 127 -15.69 -7.95 12.73
N LEU A 128 -15.40 -7.11 13.72
CA LEU A 128 -14.09 -6.49 13.81
C LEU A 128 -13.27 -7.14 14.92
N ILE A 129 -12.02 -7.47 14.61
CA ILE A 129 -11.12 -8.05 15.60
C ILE A 129 -10.32 -6.86 16.10
N GLY A 130 -10.49 -6.49 17.36
CA GLY A 130 -9.75 -5.36 17.89
C GLY A 130 -9.91 -5.22 19.38
N HIS A 131 -9.28 -4.19 19.95
CA HIS A 131 -9.35 -3.97 21.39
C HIS A 131 -10.36 -2.88 21.73
N ALA A 132 -11.35 -3.25 22.53
CA ALA A 132 -12.40 -2.31 22.94
C ALA A 132 -11.83 -1.05 23.59
N GLY A 133 -12.41 0.10 23.24
CA GLY A 133 -11.95 1.35 23.81
C GLY A 133 -10.87 2.10 23.05
N HIS A 134 -10.15 1.42 22.16
CA HIS A 134 -9.09 2.08 21.39
C HIS A 134 -9.75 2.97 20.34
N PRO A 135 -9.20 4.18 20.11
CA PRO A 135 -9.80 5.07 19.12
C PRO A 135 -9.93 4.51 17.70
N GLU A 136 -9.00 3.64 17.28
CA GLU A 136 -9.13 3.08 15.93
C GLU A 136 -10.36 2.19 15.88
N VAL A 137 -10.59 1.45 16.96
CA VAL A 137 -11.76 0.56 17.03
C VAL A 137 -13.05 1.37 17.02
N GLU A 138 -13.06 2.48 17.74
CA GLU A 138 -14.23 3.34 17.79
C GLU A 138 -14.52 3.94 16.43
N GLY A 139 -13.47 4.37 15.74
CA GLY A 139 -13.65 4.94 14.41
C GLY A 139 -14.07 3.94 13.35
N THR A 140 -13.53 2.73 13.43
CA THR A 140 -13.86 1.69 12.47
C THR A 140 -15.26 1.13 12.70
N MET A 141 -15.59 0.88 13.96
CA MET A 141 -16.92 0.37 14.30
C MET A 141 -17.90 1.45 13.87
N GLY A 142 -17.46 2.70 14.00
CA GLY A 142 -18.28 3.85 13.65
C GLY A 142 -18.51 4.09 12.17
N GLN A 143 -18.15 3.13 11.32
CA GLN A 143 -18.36 3.27 9.88
C GLN A 143 -19.57 2.43 9.49
N TYR A 144 -20.13 1.72 10.48
CA TYR A 144 -21.30 0.88 10.26
C TYR A 144 -22.52 1.57 10.88
N SER A 145 -23.63 1.61 10.15
CA SER A 145 -24.83 2.26 10.67
C SER A 145 -26.16 1.69 10.16
N ASN A 146 -26.11 0.50 9.56
CA ASN A 146 -27.34 -0.12 9.05
C ASN A 146 -27.92 -1.08 10.08
N PRO A 147 -29.06 -0.72 10.69
CA PRO A 147 -29.77 -1.51 11.71
C PRO A 147 -30.22 -2.88 11.24
N GLU A 148 -30.32 -3.06 9.92
CA GLU A 148 -30.74 -4.33 9.35
C GLU A 148 -29.64 -5.38 9.45
N GLY A 149 -28.40 -4.91 9.57
CA GLY A 149 -27.27 -5.81 9.70
C GLY A 149 -26.70 -5.71 11.10
N GLY A 150 -25.38 -5.70 11.21
CA GLY A 150 -24.76 -5.61 12.52
C GLY A 150 -23.25 -5.45 12.47
N MET A 151 -22.71 -4.84 13.52
CA MET A 151 -21.27 -4.61 13.65
C MET A 151 -20.86 -5.12 15.03
N TYR A 152 -20.09 -6.20 15.06
CA TYR A 152 -19.67 -6.78 16.34
C TYR A 152 -18.16 -6.76 16.53
N LEU A 153 -17.74 -6.62 17.77
CA LEU A 153 -16.32 -6.59 18.11
C LEU A 153 -15.95 -7.85 18.89
N VAL A 154 -14.84 -8.47 18.51
CA VAL A 154 -14.34 -9.66 19.20
C VAL A 154 -12.86 -9.45 19.45
N GLU A 155 -12.37 -9.86 20.61
CA GLU A 155 -10.97 -9.69 20.97
C GLU A 155 -10.21 -10.99 21.10
N SER A 156 -10.93 -12.10 21.23
CA SER A 156 -10.30 -13.39 21.41
C SER A 156 -11.17 -14.53 20.91
N PRO A 157 -10.61 -15.74 20.84
CA PRO A 157 -11.41 -16.87 20.37
C PRO A 157 -12.65 -17.03 21.26
N ASP A 158 -12.50 -16.74 22.54
CA ASP A 158 -13.60 -16.86 23.48
C ASP A 158 -14.74 -15.93 23.09
N ASP A 159 -14.42 -14.72 22.66
CA ASP A 159 -15.45 -13.78 22.23
C ASP A 159 -16.19 -14.36 21.03
N VAL A 160 -15.44 -15.02 20.16
CA VAL A 160 -16.01 -15.64 18.96
C VAL A 160 -16.94 -16.78 19.36
N TRP A 161 -16.48 -17.57 20.32
CA TRP A 161 -17.23 -18.73 20.82
C TRP A 161 -18.61 -18.40 21.37
N LYS A 162 -18.81 -17.16 21.81
CA LYS A 162 -20.11 -16.76 22.36
C LYS A 162 -20.87 -15.75 21.52
N LEU A 163 -20.33 -15.39 20.36
CA LEU A 163 -20.99 -14.43 19.49
C LEU A 163 -22.09 -15.11 18.66
N THR A 164 -23.24 -14.47 18.56
CA THR A 164 -24.35 -14.98 17.76
C THR A 164 -24.68 -13.89 16.75
N VAL A 165 -24.88 -14.28 15.49
CA VAL A 165 -25.20 -13.33 14.44
C VAL A 165 -26.56 -13.62 13.81
N LYS A 166 -27.15 -12.61 13.19
CA LYS A 166 -28.45 -12.75 12.54
C LYS A 166 -28.41 -13.65 11.32
N ASN A 167 -27.40 -13.46 10.49
CA ASN A 167 -27.25 -14.27 9.28
C ASN A 167 -25.80 -14.53 8.93
N GLU A 168 -25.28 -15.65 9.38
CA GLU A 168 -23.89 -16.02 9.13
C GLU A 168 -23.63 -16.43 7.69
N GLU A 169 -24.65 -16.36 6.84
CA GLU A 169 -24.49 -16.70 5.43
C GLU A 169 -23.85 -15.51 4.74
N LYS A 170 -24.15 -14.32 5.24
CA LYS A 170 -23.61 -13.06 4.73
C LYS A 170 -22.78 -12.42 5.84
N LEU A 171 -21.54 -12.85 5.96
CA LEU A 171 -20.64 -12.35 7.01
C LEU A 171 -19.26 -12.01 6.51
N SER A 172 -18.68 -10.97 7.10
CA SER A 172 -17.35 -10.53 6.75
C SER A 172 -16.66 -10.03 8.02
N PHE A 173 -15.34 -10.06 8.03
CA PHE A 173 -14.61 -9.58 9.19
C PHE A 173 -13.50 -8.64 8.77
N MET A 174 -13.08 -7.78 9.69
CA MET A 174 -12.00 -6.82 9.44
C MET A 174 -11.19 -6.80 10.73
N THR A 175 -10.01 -6.19 10.72
CA THR A 175 -9.21 -6.15 11.94
C THR A 175 -8.56 -4.80 12.17
N GLN A 176 -8.14 -4.58 13.40
CA GLN A 176 -7.45 -3.37 13.79
C GLN A 176 -6.09 -3.51 13.13
N THR A 177 -5.45 -2.40 12.78
CA THR A 177 -4.16 -2.42 12.11
C THR A 177 -2.93 -2.71 12.98
N THR A 178 -3.06 -2.60 14.29
CA THR A 178 -1.91 -2.78 15.18
C THR A 178 -1.91 -4.01 16.09
N LEU A 179 -2.69 -5.02 15.74
CA LEU A 179 -2.76 -6.21 16.57
C LEU A 179 -1.57 -7.15 16.49
N SER A 180 -1.56 -8.10 17.43
CA SER A 180 -0.54 -9.14 17.46
C SER A 180 -0.85 -10.03 16.26
N VAL A 181 0.14 -10.26 15.40
CA VAL A 181 -0.08 -11.11 14.24
C VAL A 181 -0.49 -12.52 14.69
N ASP A 182 0.20 -13.04 15.71
CA ASP A 182 -0.10 -14.37 16.20
C ASP A 182 -1.49 -14.51 16.81
N ASP A 183 -1.83 -13.62 17.75
CA ASP A 183 -3.14 -13.68 18.39
C ASP A 183 -4.28 -13.54 17.39
N THR A 184 -4.13 -12.63 16.44
CA THR A 184 -5.16 -12.40 15.43
C THR A 184 -5.39 -13.67 14.63
N SER A 185 -4.30 -14.38 14.32
CA SER A 185 -4.37 -15.62 13.58
C SER A 185 -5.30 -16.59 14.31
N ASP A 186 -5.10 -16.71 15.62
CA ASP A 186 -5.92 -17.60 16.44
C ASP A 186 -7.40 -17.22 16.38
N VAL A 187 -7.68 -15.92 16.43
CA VAL A 187 -9.06 -15.45 16.37
C VAL A 187 -9.69 -15.71 15.01
N ILE A 188 -8.92 -15.55 13.94
CA ILE A 188 -9.44 -15.79 12.61
C ILE A 188 -9.76 -17.27 12.44
N ASP A 189 -8.89 -18.13 12.95
CA ASP A 189 -9.11 -19.58 12.86
C ASP A 189 -10.43 -19.93 13.53
N ALA A 190 -10.71 -19.27 14.65
CA ALA A 190 -11.95 -19.51 15.39
C ALA A 190 -13.16 -19.04 14.59
N LEU A 191 -13.06 -17.84 14.02
CA LEU A 191 -14.15 -17.30 13.20
C LEU A 191 -14.54 -18.23 12.05
N ARG A 192 -13.53 -18.79 11.38
CA ARG A 192 -13.80 -19.68 10.27
C ARG A 192 -14.41 -21.01 10.70
N LYS A 193 -14.03 -21.49 11.88
CA LYS A 193 -14.57 -22.76 12.37
C LYS A 193 -16.02 -22.54 12.83
N ARG A 194 -16.30 -21.34 13.30
CA ARG A 194 -17.62 -20.96 13.78
C ARG A 194 -18.54 -20.57 12.62
N PHE A 195 -18.03 -19.70 11.75
CA PHE A 195 -18.79 -19.22 10.59
C PHE A 195 -18.03 -19.58 9.32
N PRO A 196 -18.11 -20.85 8.91
CA PRO A 196 -17.42 -21.34 7.71
C PRO A 196 -17.59 -20.53 6.43
N LYS A 197 -18.64 -19.71 6.35
CA LYS A 197 -18.88 -18.92 5.14
C LYS A 197 -18.40 -17.48 5.27
N ILE A 198 -17.83 -17.13 6.41
CA ILE A 198 -17.36 -15.77 6.64
C ILE A 198 -16.30 -15.39 5.59
N VAL A 199 -16.32 -14.12 5.17
CA VAL A 199 -15.38 -13.65 4.17
C VAL A 199 -14.48 -12.54 4.73
N GLY A 200 -13.27 -12.44 4.19
CA GLY A 200 -12.36 -11.40 4.65
C GLY A 200 -11.15 -11.26 3.75
N PRO A 201 -10.14 -10.49 4.18
CA PRO A 201 -8.94 -10.32 3.37
C PRO A 201 -8.22 -11.65 3.35
N ARG A 202 -7.24 -11.79 2.45
CA ARG A 202 -6.51 -13.05 2.38
C ARG A 202 -5.98 -13.48 3.75
N LYS A 203 -5.63 -12.51 4.58
CA LYS A 203 -5.13 -12.80 5.92
C LYS A 203 -5.79 -11.91 6.97
N ASP A 204 -5.38 -10.65 7.02
CA ASP A 204 -5.94 -9.70 7.98
C ASP A 204 -5.70 -8.26 7.53
N ASP A 205 -6.05 -7.31 8.39
CA ASP A 205 -5.87 -5.90 8.07
C ASP A 205 -4.71 -5.29 8.86
N ILE A 206 -3.88 -6.14 9.45
CA ILE A 206 -2.71 -5.66 10.20
C ILE A 206 -1.75 -5.09 9.16
N CYS A 207 -1.37 -3.83 9.33
CA CYS A 207 -0.49 -3.17 8.39
C CYS A 207 0.94 -3.71 8.34
N TYR A 208 1.64 -3.36 7.27
CA TYR A 208 3.01 -3.78 7.04
C TYR A 208 3.94 -3.34 8.17
N ALA A 209 3.74 -2.13 8.69
CA ALA A 209 4.59 -1.63 9.76
C ALA A 209 4.45 -2.47 11.02
N THR A 210 3.23 -2.86 11.34
CA THR A 210 2.98 -3.68 12.53
C THR A 210 3.62 -5.06 12.34
N THR A 211 3.36 -5.66 11.18
CA THR A 211 3.91 -6.98 10.86
C THR A 211 5.44 -6.94 10.91
N ASN A 212 6.03 -5.93 10.29
CA ASN A 212 7.49 -5.79 10.25
C ASN A 212 8.14 -5.56 11.62
N ARG A 213 7.55 -4.71 12.46
CA ARG A 213 8.14 -4.44 13.75
C ARG A 213 8.04 -5.64 14.69
N GLN A 214 7.00 -6.45 14.52
CA GLN A 214 6.88 -7.65 15.35
C GLN A 214 7.91 -8.67 14.89
N GLU A 215 8.08 -8.81 13.58
CA GLU A 215 9.06 -9.73 13.02
C GLU A 215 10.46 -9.33 13.49
N ALA A 216 10.71 -8.02 13.51
CA ALA A 216 12.01 -7.50 13.91
C ALA A 216 12.29 -7.66 15.41
N VAL A 217 11.28 -7.48 16.23
CA VAL A 217 11.50 -7.61 17.67
C VAL A 217 11.67 -9.08 18.04
N ARG A 218 11.12 -9.97 17.21
CA ARG A 218 11.26 -11.41 17.43
C ARG A 218 12.73 -11.80 17.20
N ALA A 219 13.32 -11.28 16.12
CA ALA A 219 14.71 -11.56 15.79
C ALA A 219 15.63 -10.95 16.84
N LEU A 220 15.22 -9.81 17.38
CA LEU A 220 15.99 -9.10 18.40
C LEU A 220 15.95 -9.89 19.70
N ALA A 221 14.75 -10.35 20.06
CA ALA A 221 14.55 -11.10 21.28
C ALA A 221 15.37 -12.39 21.36
N GLU A 222 15.63 -13.02 20.24
CA GLU A 222 16.42 -14.25 20.28
C GLU A 222 17.91 -13.99 20.50
N GLN A 223 18.31 -12.72 20.47
CA GLN A 223 19.71 -12.37 20.68
C GLN A 223 19.94 -11.62 22.00
N ALA A 224 18.97 -10.79 22.39
CA ALA A 224 19.07 -10.02 23.62
C ALA A 224 18.34 -10.67 24.78
N GLU A 225 18.87 -10.49 25.99
CA GLU A 225 18.29 -11.05 27.21
C GLU A 225 17.19 -10.09 27.67
N VAL A 226 17.40 -8.80 27.41
CA VAL A 226 16.44 -7.77 27.78
C VAL A 226 16.11 -6.93 26.56
N VAL A 227 14.83 -6.58 26.43
CA VAL A 227 14.38 -5.76 25.31
C VAL A 227 13.68 -4.50 25.81
N LEU A 228 14.14 -3.35 25.34
CA LEU A 228 13.52 -2.08 25.71
C LEU A 228 12.75 -1.61 24.49
N VAL A 229 11.47 -1.31 24.68
CA VAL A 229 10.63 -0.84 23.58
C VAL A 229 10.25 0.61 23.81
N VAL A 230 10.75 1.50 22.97
CA VAL A 230 10.42 2.92 23.12
C VAL A 230 9.01 3.16 22.59
N GLY A 231 8.18 3.74 23.44
CA GLY A 231 6.81 4.02 23.05
C GLY A 231 5.97 4.33 24.28
N SER A 232 4.86 5.04 24.08
CA SER A 232 4.00 5.41 25.18
C SER A 232 3.02 4.32 25.60
N LYS A 233 2.61 4.37 26.87
CA LYS A 233 1.68 3.42 27.46
C LYS A 233 0.41 3.18 26.64
N ASN A 234 -0.10 4.23 26.01
CA ASN A 234 -1.33 4.11 25.24
C ASN A 234 -1.12 3.72 23.78
N SER A 235 0.12 3.41 23.41
CA SER A 235 0.38 3.00 22.03
C SER A 235 0.14 1.51 21.90
N SER A 236 -0.93 1.13 21.21
CA SER A 236 -1.27 -0.27 21.01
C SER A 236 -0.15 -1.07 20.33
N ASN A 237 0.37 -0.59 19.21
CA ASN A 237 1.42 -1.34 18.52
C ASN A 237 2.68 -1.50 19.37
N SER A 238 3.04 -0.45 20.11
CA SER A 238 4.23 -0.50 20.95
C SER A 238 4.10 -1.60 22.00
N ASN A 239 2.93 -1.69 22.62
CA ASN A 239 2.65 -2.71 23.65
C ASN A 239 2.80 -4.10 23.07
N ARG A 240 2.36 -4.28 21.83
CA ARG A 240 2.43 -5.58 21.19
C ARG A 240 3.89 -6.02 21.06
N LEU A 241 4.79 -5.08 20.84
CA LEU A 241 6.22 -5.37 20.73
C LEU A 241 6.80 -5.88 22.04
N ALA A 242 6.49 -5.21 23.15
CA ALA A 242 6.98 -5.62 24.47
C ALA A 242 6.40 -6.98 24.86
N GLU A 243 5.12 -7.16 24.57
CA GLU A 243 4.39 -8.38 24.86
C GLU A 243 5.02 -9.59 24.14
N LEU A 244 5.36 -9.39 22.87
CA LEU A 244 5.96 -10.45 22.07
C LEU A 244 7.30 -10.87 22.68
N ALA A 245 8.10 -9.88 23.06
CA ALA A 245 9.40 -10.13 23.66
C ALA A 245 9.24 -10.91 24.96
N GLN A 246 8.30 -10.45 25.79
CA GLN A 246 8.01 -11.09 27.06
C GLN A 246 7.57 -12.54 26.90
N ARG A 247 6.78 -12.81 25.87
CA ARG A 247 6.30 -14.17 25.62
C ARG A 247 7.42 -15.12 25.20
N MET A 248 8.51 -14.56 24.69
CA MET A 248 9.64 -15.38 24.29
C MET A 248 10.54 -15.65 25.48
N GLY A 249 10.09 -15.19 26.65
CA GLY A 249 10.84 -15.42 27.87
C GLY A 249 11.87 -14.38 28.25
N LYS A 250 11.91 -13.27 27.52
CA LYS A 250 12.86 -12.20 27.79
C LYS A 250 12.22 -11.12 28.63
N ARG A 251 13.02 -10.37 29.38
CA ARG A 251 12.49 -9.26 30.15
C ARG A 251 12.32 -8.15 29.13
N ALA A 252 11.15 -7.53 29.10
CA ALA A 252 10.89 -6.45 28.17
C ALA A 252 10.18 -5.32 28.88
N PHE A 253 10.56 -4.10 28.56
CA PHE A 253 9.95 -2.92 29.18
C PHE A 253 9.56 -1.88 28.15
N LEU A 254 8.37 -1.32 28.33
CA LEU A 254 7.86 -0.26 27.48
C LEU A 254 8.22 1.04 28.20
N ILE A 255 9.02 1.88 27.55
CA ILE A 255 9.45 3.13 28.15
C ILE A 255 9.29 4.33 27.21
N ASP A 256 8.99 5.49 27.79
CA ASP A 256 8.81 6.70 27.01
C ASP A 256 10.14 7.36 26.68
N ASP A 257 11.13 7.15 27.55
CA ASP A 257 12.44 7.74 27.33
C ASP A 257 13.52 7.12 28.22
N ALA A 258 14.76 7.58 28.01
CA ALA A 258 15.91 7.08 28.75
C ALA A 258 15.75 7.16 30.27
N LYS A 259 15.04 8.19 30.74
CA LYS A 259 14.83 8.39 32.17
C LYS A 259 14.10 7.23 32.87
N ASP A 260 13.35 6.44 32.11
CA ASP A 260 12.61 5.32 32.70
C ASP A 260 13.47 4.10 32.95
N ILE A 261 14.64 4.07 32.31
CA ILE A 261 15.55 2.95 32.46
C ILE A 261 16.05 2.81 33.90
N GLN A 262 15.81 1.64 34.49
CA GLN A 262 16.26 1.36 35.84
C GLN A 262 17.48 0.45 35.72
N GLU A 263 18.55 0.80 36.43
CA GLU A 263 19.80 0.04 36.38
C GLU A 263 19.66 -1.47 36.52
N GLU A 264 18.82 -1.90 37.47
CA GLU A 264 18.65 -3.33 37.72
C GLU A 264 18.23 -4.10 36.47
N TRP A 265 17.50 -3.45 35.57
CA TRP A 265 17.05 -4.10 34.34
C TRP A 265 18.18 -4.60 33.47
N VAL A 266 19.31 -3.88 33.50
CA VAL A 266 20.44 -4.26 32.66
C VAL A 266 21.73 -4.62 33.40
N LYS A 267 21.64 -4.79 34.72
CA LYS A 267 22.83 -5.15 35.47
C LYS A 267 23.36 -6.52 35.05
N GLU A 268 24.66 -6.58 34.78
CA GLU A 268 25.29 -7.83 34.37
C GLU A 268 24.62 -8.49 33.18
N VAL A 269 23.87 -7.71 32.39
CA VAL A 269 23.21 -8.24 31.20
C VAL A 269 24.19 -8.12 30.03
N LYS A 270 24.50 -9.25 29.41
CA LYS A 270 25.45 -9.26 28.30
C LYS A 270 24.91 -8.69 26.99
N CYS A 271 23.61 -8.81 26.76
CA CYS A 271 23.03 -8.30 25.52
C CYS A 271 21.65 -7.71 25.71
N VAL A 272 21.52 -6.41 25.42
CA VAL A 272 20.25 -5.72 25.54
C VAL A 272 19.80 -5.23 24.17
N GLY A 273 18.53 -5.46 23.86
CA GLY A 273 18.00 -5.03 22.57
C GLY A 273 17.09 -3.83 22.72
N VAL A 274 17.07 -2.98 21.70
CA VAL A 274 16.22 -1.80 21.75
C VAL A 274 15.42 -1.67 20.46
N THR A 275 14.15 -1.34 20.59
CA THR A 275 13.30 -1.13 19.45
C THR A 275 12.38 0.02 19.76
N ALA A 276 11.48 0.35 18.83
CA ALA A 276 10.57 1.46 19.01
C ALA A 276 9.27 1.24 18.25
N GLY A 277 8.17 1.65 18.86
CA GLY A 277 6.87 1.53 18.23
C GLY A 277 6.78 2.47 17.03
N ALA A 278 5.73 2.31 16.24
CA ALA A 278 5.51 3.11 15.03
C ALA A 278 5.34 4.61 15.27
N SER A 279 5.07 5.02 16.50
CA SER A 279 4.86 6.44 16.79
C SER A 279 5.98 7.09 17.61
N ALA A 280 7.08 6.36 17.82
CA ALA A 280 8.21 6.86 18.59
C ALA A 280 9.35 7.41 17.73
N PRO A 281 9.68 8.70 17.91
CA PRO A 281 10.74 9.42 17.19
C PRO A 281 12.12 8.83 17.46
N ASP A 282 12.98 8.90 16.46
CA ASP A 282 14.31 8.33 16.63
C ASP A 282 15.14 9.03 17.72
N ILE A 283 14.87 10.30 17.97
CA ILE A 283 15.65 11.00 18.99
C ILE A 283 15.51 10.31 20.35
N LEU A 284 14.33 9.72 20.61
CA LEU A 284 14.11 9.01 21.87
C LEU A 284 14.98 7.76 21.95
N VAL A 285 15.14 7.08 20.82
CA VAL A 285 15.95 5.87 20.74
C VAL A 285 17.42 6.26 20.97
N GLN A 286 17.82 7.37 20.36
CA GLN A 286 19.19 7.84 20.49
C GLN A 286 19.55 8.11 21.95
N ASN A 287 18.63 8.74 22.67
CA ASN A 287 18.87 9.04 24.08
C ASN A 287 18.88 7.77 24.92
N VAL A 288 18.10 6.78 24.51
CA VAL A 288 18.07 5.51 25.24
C VAL A 288 19.42 4.83 25.04
N VAL A 289 19.94 4.87 23.82
CA VAL A 289 21.22 4.26 23.52
C VAL A 289 22.31 4.94 24.35
N ALA A 290 22.24 6.26 24.45
CA ALA A 290 23.22 7.02 25.23
C ALA A 290 23.20 6.58 26.69
N ARG A 291 22.01 6.41 27.25
CA ARG A 291 21.84 5.98 28.63
C ARG A 291 22.45 4.57 28.82
N LEU A 292 22.12 3.65 27.92
CA LEU A 292 22.65 2.30 27.99
C LEU A 292 24.17 2.29 27.91
N GLN A 293 24.72 3.23 27.17
CA GLN A 293 26.17 3.31 27.03
C GLN A 293 26.86 3.78 28.30
N GLN A 294 26.24 4.68 29.05
CA GLN A 294 26.86 5.11 30.29
C GLN A 294 26.67 4.02 31.34
N LEU A 295 25.75 3.10 31.05
CA LEU A 295 25.48 1.96 31.93
C LEU A 295 26.34 0.77 31.50
N GLY A 296 27.34 1.05 30.66
CA GLY A 296 28.25 -0.01 30.23
C GLY A 296 28.11 -0.52 28.81
N GLY A 297 27.11 -0.04 28.07
CA GLY A 297 26.94 -0.50 26.71
C GLY A 297 27.92 0.09 25.73
N GLY A 298 28.22 -0.66 24.67
CA GLY A 298 29.15 -0.20 23.65
C GLY A 298 28.40 0.43 22.49
N GLU A 299 28.98 0.36 21.29
CA GLU A 299 28.34 0.92 20.11
C GLU A 299 27.07 0.14 19.79
N ALA A 300 25.99 0.85 19.51
CA ALA A 300 24.73 0.21 19.17
C ALA A 300 24.87 -0.47 17.81
N ILE A 301 24.58 -1.76 17.76
CA ILE A 301 24.67 -2.52 16.52
C ILE A 301 23.29 -2.77 15.91
N PRO A 302 23.03 -2.21 14.73
CA PRO A 302 21.74 -2.38 14.05
C PRO A 302 21.63 -3.76 13.40
N LEU A 303 20.53 -4.45 13.66
CA LEU A 303 20.35 -5.77 13.07
C LEU A 303 19.92 -5.60 11.61
N GLU A 304 20.13 -6.66 10.83
CA GLU A 304 19.77 -6.66 9.42
C GLU A 304 18.25 -6.83 9.44
N GLY A 305 17.54 -6.23 8.49
CA GLY A 305 16.10 -6.39 8.50
C GLY A 305 15.36 -6.01 7.24
N ARG A 306 14.06 -6.28 7.26
CA ARG A 306 13.15 -5.99 6.17
C ARG A 306 13.24 -4.52 5.74
N GLU A 307 13.33 -4.29 4.44
CA GLU A 307 13.40 -2.94 3.91
C GLU A 307 11.97 -2.39 3.79
N GLU A 308 11.76 -1.14 4.22
CA GLU A 308 10.44 -0.53 4.10
C GLU A 308 10.62 0.62 3.10
N ASN A 309 9.76 0.71 2.09
CA ASN A 309 9.90 1.76 1.09
C ASN A 309 8.66 2.61 0.86
N ILE A 310 7.60 2.36 1.63
CA ILE A 310 6.38 3.13 1.43
C ILE A 310 6.35 4.47 2.16
N VAL A 311 5.87 5.48 1.44
CA VAL A 311 5.74 6.83 1.98
C VAL A 311 4.33 7.31 1.61
N PHE A 312 3.67 8.01 2.53
CA PHE A 312 2.34 8.55 2.28
C PHE A 312 2.45 10.07 2.29
N GLU A 313 2.26 10.70 1.13
CA GLU A 313 2.36 12.16 1.02
C GLU A 313 1.23 12.90 1.70
N VAL A 314 1.50 14.12 2.16
CA VAL A 314 0.47 14.94 2.81
C VAL A 314 -0.43 15.48 1.70
N PRO A 315 -1.69 15.81 2.00
CA PRO A 315 -2.53 16.33 0.93
C PRO A 315 -1.87 17.55 0.26
N LYS A 316 -2.01 17.66 -1.06
CA LYS A 316 -1.40 18.75 -1.81
C LYS A 316 -1.72 20.09 -1.18
N GLU A 317 -2.91 20.19 -0.61
CA GLU A 317 -3.37 21.42 0.03
C GLU A 317 -2.47 21.85 1.18
N LEU A 318 -1.72 20.91 1.75
CA LEU A 318 -0.84 21.21 2.86
C LEU A 318 0.64 21.13 2.52
N ARG A 319 0.97 21.02 1.24
CA ARG A 319 2.37 20.93 0.84
C ARG A 319 2.93 22.31 0.46
N MET B 11 -11.89 24.67 -29.88
CA MET B 11 -11.85 23.30 -29.31
C MET B 11 -11.33 23.31 -27.87
N GLN B 12 -12.04 22.62 -26.98
CA GLN B 12 -11.67 22.56 -25.57
C GLN B 12 -10.81 21.32 -25.27
N ILE B 13 -9.80 21.50 -24.42
CA ILE B 13 -8.89 20.42 -24.03
C ILE B 13 -9.05 20.09 -22.55
N LEU B 14 -9.45 18.85 -22.27
CA LEU B 14 -9.62 18.40 -20.90
C LEU B 14 -8.57 17.37 -20.49
N LEU B 15 -8.07 17.48 -19.28
CA LEU B 15 -7.06 16.57 -18.75
C LEU B 15 -7.59 15.70 -17.62
N ALA B 16 -7.49 14.38 -17.79
CA ALA B 16 -7.95 13.46 -16.76
C ALA B 16 -7.04 13.50 -15.55
N ASN B 17 -7.61 13.22 -14.38
CA ASN B 17 -6.85 13.21 -13.13
C ASN B 17 -7.44 12.15 -12.21
N PRO B 18 -6.60 11.21 -11.75
CA PRO B 18 -5.18 11.10 -12.03
C PRO B 18 -4.84 10.51 -13.40
N ARG B 19 -3.59 10.71 -13.82
CA ARG B 19 -3.10 10.20 -15.10
C ARG B 19 -1.59 10.08 -14.97
N GLY B 20 -0.97 9.37 -15.91
CA GLY B 20 0.47 9.25 -15.87
C GLY B 20 1.08 8.41 -14.77
N PHE B 21 2.35 8.69 -14.47
CA PHE B 21 3.14 7.98 -13.47
C PHE B 21 2.44 7.56 -12.19
N CYS B 22 2.61 6.30 -11.85
CA CYS B 22 2.08 5.73 -10.63
C CYS B 22 3.32 5.58 -9.75
N ALA B 23 3.16 5.15 -8.51
CA ALA B 23 4.29 5.01 -7.61
C ALA B 23 5.29 3.93 -8.05
N GLY B 24 4.77 2.84 -8.63
CA GLY B 24 5.65 1.76 -9.06
C GLY B 24 6.58 2.15 -10.19
N VAL B 25 6.01 2.84 -11.18
CA VAL B 25 6.77 3.29 -12.34
C VAL B 25 7.83 4.32 -11.95
N ASP B 26 7.43 5.28 -11.12
CA ASP B 26 8.37 6.31 -10.70
C ASP B 26 9.58 5.67 -10.01
N ARG B 27 9.30 4.70 -9.14
CA ARG B 27 10.36 3.99 -8.44
C ARG B 27 11.25 3.20 -9.39
N ALA B 28 10.63 2.48 -10.32
CA ALA B 28 11.39 1.67 -11.27
C ALA B 28 12.34 2.51 -12.14
N ILE B 29 11.83 3.62 -12.66
CA ILE B 29 12.64 4.50 -13.50
C ILE B 29 13.80 5.06 -12.67
N SER B 30 13.48 5.49 -11.45
CA SER B 30 14.50 6.05 -10.57
C SER B 30 15.60 5.03 -10.26
N ILE B 31 15.22 3.76 -10.16
CA ILE B 31 16.20 2.73 -9.87
C ILE B 31 17.21 2.67 -11.01
N VAL B 32 16.73 2.70 -12.24
CA VAL B 32 17.64 2.65 -13.39
C VAL B 32 18.50 3.92 -13.48
N GLU B 33 17.86 5.09 -13.39
CA GLU B 33 18.57 6.36 -13.45
C GLU B 33 19.65 6.47 -12.37
N ASN B 34 19.29 6.13 -11.13
CA ASN B 34 20.25 6.20 -10.02
C ASN B 34 21.38 5.19 -10.16
N ALA B 35 21.08 4.01 -10.69
CA ALA B 35 22.11 3.00 -10.88
C ALA B 35 23.13 3.53 -11.88
N LEU B 36 22.61 4.17 -12.94
CA LEU B 36 23.48 4.75 -13.96
C LEU B 36 24.32 5.88 -13.38
N ALA B 37 23.68 6.71 -12.56
CA ALA B 37 24.36 7.83 -11.93
C ALA B 37 25.41 7.37 -10.93
N ILE B 38 25.11 6.31 -10.19
CA ILE B 38 26.02 5.80 -9.19
C ILE B 38 27.13 4.89 -9.72
N TYR B 39 26.78 3.99 -10.64
CA TYR B 39 27.76 3.06 -11.20
C TYR B 39 28.21 3.36 -12.62
N GLY B 40 27.64 4.37 -13.24
CA GLY B 40 28.01 4.70 -14.60
C GLY B 40 27.50 3.65 -15.58
N ALA B 41 27.55 3.96 -16.87
CA ALA B 41 27.09 3.02 -17.89
C ALA B 41 28.16 1.94 -18.11
N PRO B 42 27.75 0.74 -18.53
CA PRO B 42 26.36 0.36 -18.80
C PRO B 42 25.67 -0.29 -17.61
N ILE B 43 24.34 -0.24 -17.63
CA ILE B 43 23.52 -0.87 -16.61
C ILE B 43 22.59 -1.75 -17.43
N TYR B 44 22.54 -3.04 -17.12
CA TYR B 44 21.67 -3.93 -17.87
C TYR B 44 20.30 -4.02 -17.22
N VAL B 45 19.28 -4.04 -18.05
CA VAL B 45 17.90 -4.15 -17.58
C VAL B 45 17.20 -5.27 -18.35
N ARG B 46 16.58 -6.19 -17.62
CA ARG B 46 15.88 -7.30 -18.25
C ARG B 46 14.50 -6.87 -18.74
N HIS B 47 14.38 -6.71 -20.06
CA HIS B 47 13.14 -6.27 -20.70
C HIS B 47 12.91 -4.79 -20.37
N GLU B 48 12.02 -4.15 -21.11
CA GLU B 48 11.72 -2.74 -20.87
C GLU B 48 11.37 -2.53 -19.40
N VAL B 49 12.05 -1.61 -18.73
CA VAL B 49 11.80 -1.36 -17.31
C VAL B 49 10.30 -1.08 -17.11
N VAL B 50 9.71 -0.33 -18.03
CA VAL B 50 8.29 -0.03 -18.05
C VAL B 50 7.91 -0.01 -19.53
N HIS B 51 6.64 -0.24 -19.85
CA HIS B 51 6.21 -0.27 -21.24
C HIS B 51 5.91 1.08 -21.88
N ASN B 52 6.97 1.88 -22.04
CA ASN B 52 6.87 3.18 -22.68
C ASN B 52 8.15 3.40 -23.47
N ARG B 53 8.02 3.55 -24.78
CA ARG B 53 9.19 3.71 -25.64
C ARG B 53 10.01 4.97 -25.39
N TYR B 54 9.35 6.07 -25.03
CA TYR B 54 10.07 7.30 -24.76
C TYR B 54 10.97 7.09 -23.55
N VAL B 55 10.43 6.45 -22.51
CA VAL B 55 11.21 6.17 -21.31
C VAL B 55 12.36 5.22 -21.62
N VAL B 56 12.04 4.13 -22.29
CA VAL B 56 13.04 3.13 -22.66
C VAL B 56 14.11 3.73 -23.58
N ASP B 57 13.66 4.51 -24.56
CA ASP B 57 14.59 5.16 -25.49
C ASP B 57 15.53 6.10 -24.75
N SER B 58 14.98 6.87 -23.83
CA SER B 58 15.77 7.82 -23.04
C SER B 58 16.84 7.15 -22.19
N LEU B 59 16.47 6.06 -21.52
CA LEU B 59 17.42 5.34 -20.66
C LEU B 59 18.50 4.67 -21.50
N ARG B 60 18.13 4.18 -22.67
CA ARG B 60 19.09 3.55 -23.56
C ARG B 60 20.11 4.61 -23.97
N GLU B 61 19.61 5.80 -24.28
CA GLU B 61 20.45 6.93 -24.68
C GLU B 61 21.40 7.35 -23.55
N ARG B 62 21.08 6.97 -22.32
CA ARG B 62 21.94 7.31 -21.19
C ARG B 62 22.83 6.15 -20.73
N GLY B 63 22.85 5.06 -21.50
CA GLY B 63 23.71 3.95 -21.13
C GLY B 63 23.06 2.66 -20.71
N ALA B 64 21.74 2.65 -20.52
CA ALA B 64 21.05 1.44 -20.12
C ALA B 64 20.98 0.46 -21.29
N ILE B 65 21.25 -0.81 -21.01
CA ILE B 65 21.20 -1.82 -22.05
C ILE B 65 20.07 -2.81 -21.75
N PHE B 66 19.06 -2.82 -22.60
CA PHE B 66 17.92 -3.71 -22.43
C PHE B 66 18.12 -5.04 -23.14
N ILE B 67 18.20 -6.11 -22.36
CA ILE B 67 18.40 -7.45 -22.89
C ILE B 67 17.18 -8.34 -22.68
N GLU B 68 17.13 -9.42 -23.45
CA GLU B 68 16.01 -10.37 -23.39
C GLU B 68 16.22 -11.47 -22.37
N GLN B 69 17.45 -11.96 -22.26
CA GLN B 69 17.77 -13.03 -21.32
C GLN B 69 18.98 -12.68 -20.47
N ILE B 70 19.00 -13.20 -19.25
CA ILE B 70 20.08 -12.96 -18.30
C ILE B 70 21.44 -13.44 -18.83
N SER B 71 21.42 -14.51 -19.63
CA SER B 71 22.64 -15.07 -20.19
C SER B 71 23.38 -14.08 -21.09
N GLU B 72 22.69 -13.02 -21.51
CA GLU B 72 23.31 -12.00 -22.35
C GLU B 72 24.10 -11.03 -21.50
N VAL B 73 23.92 -11.10 -20.19
CA VAL B 73 24.60 -10.20 -19.27
C VAL B 73 25.98 -10.70 -18.85
N PRO B 74 27.00 -9.86 -19.03
CA PRO B 74 28.39 -10.17 -18.67
C PRO B 74 28.56 -10.31 -17.16
N ASP B 75 29.53 -11.11 -16.75
CA ASP B 75 29.80 -11.28 -15.33
C ASP B 75 30.29 -9.96 -14.75
N GLY B 76 29.91 -9.68 -13.50
CA GLY B 76 30.34 -8.46 -12.85
C GLY B 76 29.47 -7.24 -13.15
N ALA B 77 28.49 -7.41 -14.02
CA ALA B 77 27.61 -6.31 -14.39
C ALA B 77 26.48 -6.07 -13.38
N ILE B 78 25.81 -4.93 -13.54
CA ILE B 78 24.67 -4.57 -12.69
C ILE B 78 23.43 -4.93 -13.49
N LEU B 79 22.50 -5.65 -12.87
CA LEU B 79 21.29 -6.05 -13.57
C LEU B 79 20.05 -5.62 -12.81
N ILE B 80 19.08 -5.06 -13.53
CA ILE B 80 17.84 -4.62 -12.91
C ILE B 80 16.65 -5.35 -13.52
N PHE B 81 15.76 -5.84 -12.65
CA PHE B 81 14.54 -6.54 -13.09
C PHE B 81 13.50 -5.45 -13.36
N SER B 82 12.67 -5.64 -14.40
CA SER B 82 11.66 -4.62 -14.73
C SER B 82 10.54 -4.57 -13.67
N ALA B 83 9.74 -3.51 -13.75
CA ALA B 83 8.65 -3.29 -12.80
C ALA B 83 7.57 -4.37 -12.85
N HIS B 84 7.43 -5.04 -13.99
CA HIS B 84 6.44 -6.09 -14.18
C HIS B 84 6.73 -7.36 -13.38
N GLY B 85 7.96 -7.49 -12.88
CA GLY B 85 8.33 -8.65 -12.09
C GLY B 85 8.89 -9.80 -12.91
N VAL B 86 9.45 -10.79 -12.19
CA VAL B 86 10.04 -11.96 -12.84
C VAL B 86 9.70 -13.25 -12.10
N SER B 87 9.79 -14.35 -12.82
CA SER B 87 9.51 -15.67 -12.28
C SER B 87 10.61 -16.03 -11.28
N GLN B 88 10.37 -17.04 -10.46
CA GLN B 88 11.37 -17.47 -9.49
C GLN B 88 12.59 -18.06 -10.21
N ALA B 89 12.37 -18.68 -11.37
CA ALA B 89 13.47 -19.27 -12.13
C ALA B 89 14.43 -18.17 -12.55
N VAL B 90 13.89 -17.08 -13.06
CA VAL B 90 14.69 -15.95 -13.49
C VAL B 90 15.44 -15.37 -12.29
N ARG B 91 14.74 -15.20 -11.17
CA ARG B 91 15.36 -14.66 -9.97
C ARG B 91 16.50 -15.55 -9.47
N ASN B 92 16.26 -16.86 -9.45
CA ASN B 92 17.29 -17.79 -8.98
C ASN B 92 18.50 -17.86 -9.91
N GLU B 93 18.25 -17.71 -11.20
CA GLU B 93 19.33 -17.74 -12.18
C GLU B 93 20.25 -16.54 -11.94
N ALA B 94 19.64 -15.38 -11.67
CA ALA B 94 20.39 -14.17 -11.42
C ALA B 94 21.20 -14.28 -10.13
N LYS B 95 20.60 -14.87 -9.10
CA LYS B 95 21.30 -15.02 -7.82
C LYS B 95 22.52 -15.92 -7.92
N SER B 96 22.47 -16.90 -8.82
CA SER B 96 23.59 -17.83 -9.00
C SER B 96 24.71 -17.19 -9.80
N ARG B 97 24.36 -16.20 -10.63
CA ARG B 97 25.33 -15.50 -11.48
C ARG B 97 26.15 -14.45 -10.73
N ASP B 98 27.37 -14.22 -11.19
CA ASP B 98 28.26 -13.22 -10.62
C ASP B 98 27.73 -11.87 -11.12
N LEU B 99 26.61 -11.44 -10.55
CA LEU B 99 25.97 -10.19 -10.94
C LEU B 99 25.42 -9.46 -9.71
N THR B 100 25.32 -8.15 -9.81
CA THR B 100 24.74 -7.37 -8.73
C THR B 100 23.35 -7.07 -9.26
N VAL B 101 22.34 -7.44 -8.50
CA VAL B 101 20.97 -7.25 -8.95
C VAL B 101 20.12 -6.32 -8.10
N PHE B 102 19.34 -5.49 -8.80
CA PHE B 102 18.42 -4.56 -8.18
C PHE B 102 17.06 -4.93 -8.76
N ASP B 103 16.08 -5.13 -7.89
CA ASP B 103 14.74 -5.52 -8.30
C ASP B 103 13.78 -4.32 -8.37
N ALA B 104 13.43 -3.92 -9.58
CA ALA B 104 12.51 -2.78 -9.75
C ALA B 104 11.05 -3.21 -9.79
N THR B 105 10.79 -4.48 -9.50
CA THR B 105 9.42 -4.98 -9.50
C THR B 105 8.60 -4.09 -8.58
N CYS B 106 7.40 -3.73 -9.03
CA CYS B 106 6.57 -2.88 -8.18
C CYS B 106 6.13 -3.67 -6.96
N PRO B 107 6.14 -3.02 -5.78
CA PRO B 107 5.73 -3.66 -4.54
C PRO B 107 4.35 -4.32 -4.65
N LEU B 108 3.45 -3.68 -5.38
CA LEU B 108 2.09 -4.21 -5.55
C LEU B 108 2.06 -5.49 -6.36
N VAL B 109 3.10 -5.70 -7.16
CA VAL B 109 3.22 -6.92 -7.96
C VAL B 109 3.83 -8.00 -7.06
N THR B 110 4.87 -7.62 -6.32
CA THR B 110 5.52 -8.54 -5.39
C THR B 110 4.49 -9.06 -4.40
N LYS B 111 3.52 -8.21 -4.08
CA LYS B 111 2.45 -8.56 -3.15
C LYS B 111 1.67 -9.76 -3.68
N VAL B 112 1.37 -9.75 -4.98
CA VAL B 112 0.64 -10.84 -5.61
C VAL B 112 1.54 -12.08 -5.66
N HIS B 113 2.81 -11.86 -5.99
CA HIS B 113 3.81 -12.95 -6.05
C HIS B 113 3.82 -13.78 -4.78
N MET B 114 3.90 -13.10 -3.64
CA MET B 114 3.92 -13.76 -2.34
C MET B 114 2.72 -14.69 -2.16
N GLU B 115 1.54 -14.20 -2.50
CA GLU B 115 0.32 -15.01 -2.38
C GLU B 115 0.37 -16.27 -3.22
N VAL B 116 0.94 -16.17 -4.40
CA VAL B 116 1.05 -17.33 -5.28
C VAL B 116 2.03 -18.34 -4.68
N ALA B 117 3.17 -17.84 -4.20
CA ALA B 117 4.18 -18.70 -3.60
C ALA B 117 3.64 -19.38 -2.34
N ARG B 118 2.72 -18.71 -1.66
CA ARG B 118 2.12 -19.27 -0.46
C ARG B 118 1.22 -20.45 -0.82
N ALA B 119 0.45 -20.28 -1.88
CA ALA B 119 -0.45 -21.33 -2.35
C ALA B 119 0.35 -22.49 -2.93
N SER B 120 1.42 -22.15 -3.66
CA SER B 120 2.27 -23.17 -4.26
C SER B 120 2.91 -23.98 -3.14
N ARG B 121 3.18 -23.30 -2.03
CA ARG B 121 3.80 -23.90 -0.85
C ARG B 121 2.86 -24.92 -0.21
N ARG B 122 1.56 -24.61 -0.22
CA ARG B 122 0.55 -25.48 0.36
C ARG B 122 0.08 -26.55 -0.61
N GLY B 123 0.62 -26.53 -1.83
CA GLY B 123 0.25 -27.51 -2.83
C GLY B 123 -1.16 -27.33 -3.34
N GLU B 124 -1.78 -26.21 -3.00
CA GLU B 124 -3.15 -25.91 -3.42
C GLU B 124 -3.15 -25.11 -4.72
N GLU B 125 -4.06 -25.46 -5.62
CA GLU B 125 -4.17 -24.80 -6.93
C GLU B 125 -4.59 -23.33 -6.87
N SER B 126 -4.09 -22.56 -7.82
CA SER B 126 -4.41 -21.14 -7.92
C SER B 126 -4.80 -20.76 -9.34
N ILE B 127 -5.70 -19.79 -9.45
CA ILE B 127 -6.18 -19.30 -10.73
C ILE B 127 -5.79 -17.83 -10.85
N LEU B 128 -5.14 -17.49 -11.95
CA LEU B 128 -4.71 -16.12 -12.20
C LEU B 128 -5.58 -15.53 -13.31
N ILE B 129 -6.18 -14.38 -13.05
CA ILE B 129 -6.98 -13.71 -14.06
C ILE B 129 -6.00 -12.75 -14.72
N GLY B 130 -5.73 -12.96 -16.00
CA GLY B 130 -4.79 -12.11 -16.71
C GLY B 130 -4.67 -12.43 -18.19
N HIS B 131 -3.83 -11.70 -18.90
CA HIS B 131 -3.65 -11.91 -20.33
C HIS B 131 -2.36 -12.67 -20.62
N ALA B 132 -2.48 -13.82 -21.27
CA ALA B 132 -1.33 -14.64 -21.61
C ALA B 132 -0.30 -13.86 -22.41
N GLY B 133 0.98 -14.13 -22.16
CA GLY B 133 2.02 -13.45 -22.90
C GLY B 133 2.55 -12.21 -22.22
N HIS B 134 1.75 -11.58 -21.37
CA HIS B 134 2.21 -10.38 -20.68
C HIS B 134 3.28 -10.74 -19.65
N PRO B 135 4.36 -9.93 -19.57
CA PRO B 135 5.44 -10.20 -18.62
C PRO B 135 5.03 -10.32 -17.15
N GLU B 136 4.03 -9.56 -16.72
CA GLU B 136 3.64 -9.68 -15.31
C GLU B 136 3.01 -11.06 -15.11
N VAL B 137 2.26 -11.52 -16.11
CA VAL B 137 1.63 -12.83 -16.04
C VAL B 137 2.69 -13.94 -16.00
N GLU B 138 3.73 -13.80 -16.82
CA GLU B 138 4.80 -14.79 -16.84
C GLU B 138 5.45 -14.84 -15.46
N GLY B 139 5.71 -13.67 -14.90
CA GLY B 139 6.33 -13.58 -13.59
C GLY B 139 5.51 -14.08 -12.42
N THR B 140 4.21 -13.83 -12.45
CA THR B 140 3.33 -14.28 -11.38
C THR B 140 3.11 -15.78 -11.49
N MET B 141 2.88 -16.27 -12.71
CA MET B 141 2.68 -17.69 -12.96
C MET B 141 3.97 -18.42 -12.58
N GLY B 142 5.08 -17.70 -12.68
CA GLY B 142 6.38 -18.27 -12.35
C GLY B 142 6.71 -18.34 -10.87
N GLN B 143 5.73 -18.04 -10.03
CA GLN B 143 5.92 -18.10 -8.58
C GLN B 143 5.33 -19.41 -8.04
N TYR B 144 4.68 -20.15 -8.92
CA TYR B 144 4.07 -21.44 -8.55
C TYR B 144 4.95 -22.56 -9.09
N SER B 145 5.33 -23.51 -8.24
CA SER B 145 6.20 -24.60 -8.71
C SER B 145 5.90 -25.99 -8.17
N ASN B 146 4.82 -26.15 -7.42
CA ASN B 146 4.47 -27.45 -6.86
C ASN B 146 3.69 -28.32 -7.86
N PRO B 147 4.27 -29.48 -8.22
CA PRO B 147 3.65 -30.41 -9.16
C PRO B 147 2.31 -30.96 -8.68
N GLU B 148 2.17 -31.08 -7.36
CA GLU B 148 0.95 -31.62 -6.77
C GLU B 148 -0.21 -30.63 -6.76
N GLY B 149 0.05 -29.40 -7.18
CA GLY B 149 -1.00 -28.40 -7.22
C GLY B 149 -1.28 -28.01 -8.66
N GLY B 150 -1.44 -26.72 -8.90
CA GLY B 150 -1.72 -26.26 -10.25
C GLY B 150 -1.81 -24.76 -10.36
N MET B 151 -1.43 -24.24 -11.52
CA MET B 151 -1.47 -22.81 -11.79
C MET B 151 -2.17 -22.63 -13.13
N TYR B 152 -3.37 -22.09 -13.11
CA TYR B 152 -4.14 -21.89 -14.34
C TYR B 152 -4.41 -20.43 -14.64
N LEU B 153 -4.40 -20.09 -15.92
CA LEU B 153 -4.65 -18.73 -16.37
C LEU B 153 -6.02 -18.63 -17.04
N VAL B 154 -6.80 -17.62 -16.64
CA VAL B 154 -8.13 -17.39 -17.21
C VAL B 154 -8.23 -15.93 -17.64
N GLU B 155 -8.82 -15.69 -18.80
CA GLU B 155 -8.95 -14.33 -19.31
C GLU B 155 -10.38 -13.84 -19.39
N SER B 156 -11.33 -14.77 -19.39
CA SER B 156 -12.73 -14.39 -19.49
C SER B 156 -13.62 -15.42 -18.82
N PRO B 157 -14.92 -15.10 -18.68
CA PRO B 157 -15.85 -16.04 -18.04
C PRO B 157 -15.82 -17.37 -18.78
N ASP B 158 -15.65 -17.31 -20.10
CA ASP B 158 -15.60 -18.51 -20.94
C ASP B 158 -14.50 -19.45 -20.48
N ASP B 159 -13.33 -18.89 -20.20
CA ASP B 159 -12.20 -19.70 -19.75
C ASP B 159 -12.55 -20.35 -18.42
N VAL B 160 -13.31 -19.65 -17.60
CA VAL B 160 -13.72 -20.18 -16.30
C VAL B 160 -14.68 -21.35 -16.51
N TRP B 161 -15.59 -21.18 -17.47
CA TRP B 161 -16.60 -22.20 -17.80
C TRP B 161 -16.00 -23.53 -18.23
N LYS B 162 -14.82 -23.49 -18.86
CA LYS B 162 -14.20 -24.73 -19.32
C LYS B 162 -12.96 -25.14 -18.54
N LEU B 163 -12.70 -24.47 -17.42
CA LEU B 163 -11.52 -24.78 -16.61
C LEU B 163 -11.74 -26.06 -15.80
N THR B 164 -10.74 -26.95 -15.84
CA THR B 164 -10.79 -28.20 -15.09
C THR B 164 -9.80 -28.12 -13.94
N VAL B 165 -10.30 -28.34 -12.73
CA VAL B 165 -9.46 -28.29 -11.54
C VAL B 165 -9.37 -29.66 -10.86
N LYS B 166 -8.20 -29.95 -10.29
CA LYS B 166 -7.99 -31.22 -9.61
C LYS B 166 -8.83 -31.28 -8.33
N ASN B 167 -8.69 -30.26 -7.50
CA ASN B 167 -9.43 -30.19 -6.25
C ASN B 167 -9.98 -28.79 -6.01
N GLU B 168 -11.21 -28.56 -6.45
CA GLU B 168 -11.84 -27.26 -6.30
C GLU B 168 -12.28 -26.98 -4.87
N GLU B 169 -11.83 -27.81 -3.94
CA GLU B 169 -12.17 -27.62 -2.54
C GLU B 169 -11.13 -26.69 -1.93
N LYS B 170 -9.94 -26.70 -2.51
CA LYS B 170 -8.85 -25.85 -2.07
C LYS B 170 -8.35 -25.05 -3.26
N LEU B 171 -9.02 -23.94 -3.50
CA LEU B 171 -8.70 -23.07 -4.62
C LEU B 171 -8.57 -21.61 -4.20
N SER B 172 -7.67 -20.90 -4.87
CA SER B 172 -7.46 -19.49 -4.60
C SER B 172 -7.25 -18.80 -5.93
N PHE B 173 -7.57 -17.52 -6.00
CA PHE B 173 -7.37 -16.80 -7.25
C PHE B 173 -6.65 -15.48 -6.97
N MET B 174 -5.99 -14.97 -8.01
CA MET B 174 -5.23 -13.72 -7.94
C MET B 174 -5.46 -13.04 -9.28
N THR B 175 -5.05 -11.79 -9.43
CA THR B 175 -5.24 -11.12 -10.71
C THR B 175 -4.05 -10.26 -11.12
N GLN B 176 -4.03 -9.90 -12.40
CA GLN B 176 -2.99 -9.05 -12.93
C GLN B 176 -3.33 -7.67 -12.35
N THR B 177 -2.33 -6.82 -12.13
CA THR B 177 -2.55 -5.50 -11.53
C THR B 177 -3.12 -4.40 -12.42
N THR B 178 -3.11 -4.61 -13.74
CA THR B 178 -3.56 -3.58 -14.67
C THR B 178 -4.80 -3.88 -15.51
N LEU B 179 -5.61 -4.83 -15.07
CA LEU B 179 -6.79 -5.22 -15.83
C LEU B 179 -7.97 -4.24 -15.76
N SER B 180 -8.93 -4.46 -16.66
CA SER B 180 -10.15 -3.67 -16.70
C SER B 180 -10.88 -4.01 -15.40
N VAL B 181 -11.25 -2.99 -14.64
CA VAL B 181 -11.95 -3.25 -13.39
C VAL B 181 -13.29 -3.95 -13.67
N ASP B 182 -14.00 -3.47 -14.69
CA ASP B 182 -15.29 -4.06 -15.05
C ASP B 182 -15.22 -5.50 -15.54
N ASP B 183 -14.33 -5.77 -16.49
CA ASP B 183 -14.20 -7.13 -17.03
C ASP B 183 -13.76 -8.13 -15.98
N THR B 184 -12.85 -7.70 -15.11
CA THR B 184 -12.34 -8.56 -14.05
C THR B 184 -13.45 -8.92 -13.07
N SER B 185 -14.38 -7.99 -12.88
CA SER B 185 -15.50 -8.23 -11.99
C SER B 185 -16.31 -9.41 -12.54
N ASP B 186 -16.57 -9.37 -13.84
CA ASP B 186 -17.33 -10.43 -14.51
C ASP B 186 -16.64 -11.79 -14.40
N VAL B 187 -15.31 -11.79 -14.45
CA VAL B 187 -14.56 -13.03 -14.35
C VAL B 187 -14.62 -13.57 -12.92
N ILE B 188 -14.55 -12.68 -11.94
CA ILE B 188 -14.62 -13.08 -10.54
C ILE B 188 -15.99 -13.69 -10.28
N ASP B 189 -17.04 -13.02 -10.75
CA ASP B 189 -18.41 -13.51 -10.57
C ASP B 189 -18.52 -14.95 -11.08
N ALA B 190 -18.01 -15.18 -12.28
CA ALA B 190 -18.05 -16.52 -12.88
C ALA B 190 -17.27 -17.51 -12.02
N LEU B 191 -16.11 -17.09 -11.55
CA LEU B 191 -15.27 -17.96 -10.71
C LEU B 191 -15.99 -18.43 -9.47
N ARG B 192 -16.74 -17.52 -8.85
CA ARG B 192 -17.47 -17.86 -7.63
C ARG B 192 -18.73 -18.69 -7.84
N LYS B 193 -19.27 -18.68 -9.06
CA LYS B 193 -20.46 -19.48 -9.33
C LYS B 193 -20.01 -20.87 -9.75
N ARG B 194 -18.81 -20.95 -10.33
CA ARG B 194 -18.26 -22.22 -10.76
C ARG B 194 -17.56 -22.93 -9.61
N PHE B 195 -16.85 -22.16 -8.79
CA PHE B 195 -16.13 -22.70 -7.66
C PHE B 195 -16.53 -21.93 -6.40
N PRO B 196 -17.74 -22.18 -5.88
CA PRO B 196 -18.26 -21.50 -4.69
C PRO B 196 -17.33 -21.39 -3.48
N LYS B 197 -16.39 -22.31 -3.34
CA LYS B 197 -15.48 -22.27 -2.21
C LYS B 197 -14.12 -21.64 -2.50
N ILE B 198 -13.98 -21.04 -3.68
CA ILE B 198 -12.72 -20.41 -4.05
C ILE B 198 -12.45 -19.22 -3.14
N VAL B 199 -11.17 -18.98 -2.85
CA VAL B 199 -10.78 -17.88 -1.98
C VAL B 199 -9.90 -16.86 -2.70
N GLY B 200 -10.02 -15.60 -2.29
CA GLY B 200 -9.23 -14.54 -2.90
C GLY B 200 -9.25 -13.30 -2.04
N PRO B 201 -8.71 -12.17 -2.53
CA PRO B 201 -8.72 -10.95 -1.74
C PRO B 201 -10.15 -10.47 -1.66
N ARG B 202 -10.40 -9.38 -0.95
CA ARG B 202 -11.76 -8.87 -0.84
C ARG B 202 -12.38 -8.64 -2.22
N LYS B 203 -11.60 -8.07 -3.15
CA LYS B 203 -12.12 -7.83 -4.49
C LYS B 203 -11.21 -8.40 -5.57
N ASP B 204 -10.03 -7.80 -5.73
CA ASP B 204 -9.07 -8.26 -6.74
C ASP B 204 -7.69 -7.71 -6.42
N ASP B 205 -6.74 -7.94 -7.32
CA ASP B 205 -5.38 -7.44 -7.13
C ASP B 205 -5.07 -6.27 -8.06
N ILE B 206 -6.10 -5.67 -8.65
CA ILE B 206 -5.91 -4.51 -9.53
C ILE B 206 -5.41 -3.40 -8.60
N CYS B 207 -4.28 -2.79 -8.92
CA CYS B 207 -3.71 -1.75 -8.07
C CYS B 207 -4.51 -0.45 -8.08
N TYR B 208 -4.25 0.38 -7.08
CA TYR B 208 -4.94 1.67 -6.93
C TYR B 208 -4.78 2.54 -8.17
N ALA B 209 -3.58 2.54 -8.74
CA ALA B 209 -3.30 3.37 -9.90
C ALA B 209 -4.17 2.99 -11.10
N THR B 210 -4.33 1.69 -11.32
CA THR B 210 -5.15 1.21 -12.42
C THR B 210 -6.62 1.58 -12.20
N THR B 211 -7.09 1.35 -10.98
CA THR B 211 -8.47 1.67 -10.63
C THR B 211 -8.75 3.15 -10.82
N ASN B 212 -7.87 3.98 -10.26
CA ASN B 212 -8.00 5.43 -10.35
C ASN B 212 -7.93 5.99 -11.78
N ARG B 213 -7.04 5.46 -12.61
CA ARG B 213 -6.94 5.97 -13.97
C ARG B 213 -8.17 5.59 -14.80
N GLN B 214 -8.70 4.40 -14.57
CA GLN B 214 -9.89 3.99 -15.29
C GLN B 214 -11.08 4.84 -14.83
N GLU B 215 -11.13 5.12 -13.54
CA GLU B 215 -12.21 5.94 -12.98
C GLU B 215 -12.11 7.36 -13.56
N ALA B 216 -10.89 7.88 -13.66
CA ALA B 216 -10.65 9.21 -14.19
C ALA B 216 -10.99 9.32 -15.67
N VAL B 217 -10.66 8.27 -16.44
CA VAL B 217 -10.96 8.31 -17.86
C VAL B 217 -12.46 8.15 -18.09
N ARG B 218 -13.15 7.54 -17.13
CA ARG B 218 -14.60 7.40 -17.26
C ARG B 218 -15.19 8.80 -17.17
N ALA B 219 -14.74 9.56 -16.16
CA ALA B 219 -15.21 10.92 -15.97
C ALA B 219 -14.85 11.76 -17.19
N LEU B 220 -13.64 11.55 -17.73
CA LEU B 220 -13.17 12.29 -18.89
C LEU B 220 -14.03 12.01 -20.13
N ALA B 221 -14.29 10.73 -20.37
CA ALA B 221 -15.09 10.31 -21.53
C ALA B 221 -16.49 10.90 -21.52
N GLU B 222 -17.04 11.10 -20.31
CA GLU B 222 -18.38 11.67 -20.20
C GLU B 222 -18.48 13.05 -20.83
N GLN B 223 -17.35 13.75 -20.93
CA GLN B 223 -17.34 15.10 -21.49
C GLN B 223 -16.69 15.26 -22.85
N ALA B 224 -15.66 14.48 -23.13
CA ALA B 224 -14.94 14.57 -24.39
C ALA B 224 -15.54 13.73 -25.50
N GLU B 225 -15.38 14.19 -26.73
CA GLU B 225 -15.87 13.48 -27.92
C GLU B 225 -14.76 12.54 -28.34
N VAL B 226 -13.53 13.00 -28.15
CA VAL B 226 -12.34 12.25 -28.52
C VAL B 226 -11.43 12.13 -27.30
N VAL B 227 -10.90 10.93 -27.07
CA VAL B 227 -10.00 10.69 -25.96
C VAL B 227 -8.65 10.23 -26.47
N LEU B 228 -7.61 10.97 -26.13
CA LEU B 228 -6.26 10.62 -26.52
C LEU B 228 -5.59 10.03 -25.29
N VAL B 229 -5.07 8.82 -25.42
CA VAL B 229 -4.40 8.17 -24.30
C VAL B 229 -2.92 8.05 -24.62
N VAL B 230 -2.08 8.73 -23.84
CA VAL B 230 -0.65 8.66 -24.07
C VAL B 230 -0.11 7.36 -23.49
N GLY B 231 0.48 6.54 -24.37
CA GLY B 231 1.02 5.27 -23.92
C GLY B 231 1.45 4.41 -25.09
N SER B 232 2.30 3.42 -24.82
CA SER B 232 2.79 2.53 -25.87
C SER B 232 1.86 1.35 -26.13
N LYS B 233 1.95 0.81 -27.35
CA LYS B 233 1.12 -0.31 -27.75
C LYS B 233 1.21 -1.52 -26.80
N ASN B 234 2.36 -1.72 -26.19
CA ASN B 234 2.53 -2.86 -25.30
C ASN B 234 2.24 -2.57 -23.83
N SER B 235 1.63 -1.43 -23.56
CA SER B 235 1.28 -1.10 -22.18
C SER B 235 -0.13 -1.61 -21.92
N SER B 236 -0.23 -2.61 -21.04
CA SER B 236 -1.51 -3.19 -20.69
C SER B 236 -2.50 -2.15 -20.12
N ASN B 237 -2.09 -1.47 -19.07
CA ASN B 237 -2.97 -0.47 -18.44
C ASN B 237 -3.36 0.65 -19.41
N SER B 238 -2.43 1.07 -20.26
CA SER B 238 -2.72 2.14 -21.23
C SER B 238 -3.80 1.68 -22.19
N ASN B 239 -3.72 0.44 -22.64
CA ASN B 239 -4.72 -0.08 -23.56
C ASN B 239 -6.10 -0.14 -22.91
N ARG B 240 -6.11 -0.45 -21.62
CA ARG B 240 -7.37 -0.54 -20.89
C ARG B 240 -8.07 0.82 -20.84
N LEU B 241 -7.28 1.89 -20.74
CA LEU B 241 -7.82 3.24 -20.71
C LEU B 241 -8.51 3.56 -22.03
N ALA B 242 -7.83 3.28 -23.13
CA ALA B 242 -8.38 3.55 -24.46
C ALA B 242 -9.64 2.73 -24.72
N GLU B 243 -9.62 1.46 -24.32
CA GLU B 243 -10.78 0.59 -24.53
C GLU B 243 -11.97 1.10 -23.74
N LEU B 244 -11.73 1.54 -22.50
CA LEU B 244 -12.82 2.04 -21.66
C LEU B 244 -13.52 3.20 -22.34
N ALA B 245 -12.74 4.15 -22.84
CA ALA B 245 -13.29 5.32 -23.51
C ALA B 245 -14.08 4.89 -24.74
N GLN B 246 -13.48 4.02 -25.54
CA GLN B 246 -14.11 3.52 -26.75
C GLN B 246 -15.40 2.79 -26.44
N ARG B 247 -15.41 1.98 -25.38
CA ARG B 247 -16.62 1.26 -25.01
C ARG B 247 -17.70 2.18 -24.48
N MET B 248 -17.33 3.41 -24.13
CA MET B 248 -18.32 4.38 -23.66
C MET B 248 -18.87 5.18 -24.84
N GLY B 249 -18.50 4.77 -26.05
CA GLY B 249 -18.99 5.44 -27.25
C GLY B 249 -18.19 6.58 -27.82
N LYS B 250 -17.04 6.88 -27.23
CA LYS B 250 -16.21 7.97 -27.73
C LYS B 250 -15.08 7.45 -28.59
N ARG B 251 -14.50 8.32 -29.40
CA ARG B 251 -13.38 7.92 -30.24
C ARG B 251 -12.12 8.06 -29.41
N ALA B 252 -11.43 6.95 -29.21
CA ALA B 252 -10.21 6.95 -28.42
C ALA B 252 -9.03 6.50 -29.27
N PHE B 253 -7.86 7.06 -28.96
CA PHE B 253 -6.63 6.74 -29.68
C PHE B 253 -5.46 6.56 -28.73
N LEU B 254 -4.73 5.46 -28.88
CA LEU B 254 -3.55 5.21 -28.05
C LEU B 254 -2.41 5.81 -28.87
N ILE B 255 -1.67 6.75 -28.29
CA ILE B 255 -0.57 7.39 -29.00
C ILE B 255 0.68 7.44 -28.13
N ASP B 256 1.85 7.33 -28.76
CA ASP B 256 3.09 7.40 -28.00
C ASP B 256 3.44 8.85 -27.69
N ASP B 257 3.16 9.73 -28.64
CA ASP B 257 3.44 11.14 -28.47
C ASP B 257 2.64 12.02 -29.42
N ALA B 258 2.79 13.33 -29.25
CA ALA B 258 2.10 14.31 -30.07
C ALA B 258 2.25 14.06 -31.58
N LYS B 259 3.42 13.56 -31.97
CA LYS B 259 3.71 13.30 -33.37
C LYS B 259 2.76 12.28 -34.01
N ASP B 260 2.11 11.46 -33.20
CA ASP B 260 1.19 10.45 -33.73
C ASP B 260 -0.20 11.05 -34.01
N ILE B 261 -0.45 12.23 -33.47
CA ILE B 261 -1.74 12.90 -33.65
C ILE B 261 -2.04 13.27 -35.11
N GLN B 262 -3.24 12.90 -35.57
CA GLN B 262 -3.68 13.21 -36.93
C GLN B 262 -4.74 14.30 -36.86
N GLU B 263 -4.63 15.31 -37.72
CA GLU B 263 -5.61 16.41 -37.72
C GLU B 263 -7.02 15.90 -37.90
N GLU B 264 -7.18 14.89 -38.74
CA GLU B 264 -8.49 14.29 -39.02
C GLU B 264 -9.21 13.92 -37.73
N TRP B 265 -8.46 13.35 -36.78
CA TRP B 265 -9.01 12.91 -35.51
C TRP B 265 -9.73 13.99 -34.71
N VAL B 266 -9.20 15.21 -34.75
CA VAL B 266 -9.78 16.30 -33.98
C VAL B 266 -10.48 17.38 -34.80
N LYS B 267 -10.62 17.15 -36.10
CA LYS B 267 -11.28 18.11 -36.97
C LYS B 267 -12.74 18.30 -36.57
N GLU B 268 -13.12 19.54 -36.30
CA GLU B 268 -14.48 19.88 -35.91
C GLU B 268 -14.91 19.28 -34.57
N VAL B 269 -13.93 18.88 -33.76
CA VAL B 269 -14.22 18.32 -32.44
C VAL B 269 -14.30 19.48 -31.46
N LYS B 270 -15.33 19.49 -30.64
CA LYS B 270 -15.53 20.56 -29.67
C LYS B 270 -14.79 20.30 -28.36
N CYS B 271 -14.69 19.03 -27.98
CA CYS B 271 -14.02 18.69 -26.73
C CYS B 271 -13.13 17.46 -26.86
N VAL B 272 -11.84 17.66 -26.62
CA VAL B 272 -10.87 16.58 -26.67
C VAL B 272 -10.31 16.32 -25.28
N GLY B 273 -10.29 15.06 -24.86
CA GLY B 273 -9.77 14.71 -23.56
C GLY B 273 -8.42 14.03 -23.70
N VAL B 274 -7.53 14.26 -22.74
CA VAL B 274 -6.22 13.63 -22.79
C VAL B 274 -5.86 13.01 -21.44
N THR B 275 -5.39 11.78 -21.48
CA THR B 275 -4.96 11.11 -20.26
C THR B 275 -3.68 10.36 -20.60
N ALA B 276 -3.11 9.66 -19.62
CA ALA B 276 -1.88 8.94 -19.83
C ALA B 276 -1.81 7.70 -18.95
N GLY B 277 -1.27 6.61 -19.51
CA GLY B 277 -1.13 5.38 -18.77
C GLY B 277 -0.11 5.57 -17.66
N ALA B 278 0.01 4.58 -16.79
CA ALA B 278 0.91 4.62 -15.66
C ALA B 278 2.40 4.75 -16.00
N SER B 279 2.78 4.37 -17.21
CA SER B 279 4.18 4.42 -17.61
C SER B 279 4.54 5.59 -18.52
N ALA B 280 3.62 6.53 -18.70
CA ALA B 280 3.90 7.67 -19.59
C ALA B 280 4.24 8.96 -18.85
N PRO B 281 5.43 9.54 -19.14
CA PRO B 281 5.93 10.78 -18.52
C PRO B 281 5.04 11.97 -18.84
N ASP B 282 4.92 12.88 -17.88
CA ASP B 282 4.10 14.07 -18.03
C ASP B 282 4.51 14.95 -19.21
N ILE B 283 5.80 15.02 -19.49
CA ILE B 283 6.27 15.86 -20.58
C ILE B 283 5.59 15.46 -21.90
N LEU B 284 5.26 14.19 -22.06
CA LEU B 284 4.60 13.74 -23.28
C LEU B 284 3.19 14.31 -23.35
N VAL B 285 2.55 14.46 -22.20
CA VAL B 285 1.19 15.02 -22.16
C VAL B 285 1.27 16.52 -22.45
N GLN B 286 2.28 17.18 -21.90
CA GLN B 286 2.45 18.61 -22.13
C GLN B 286 2.62 18.88 -23.63
N ASN B 287 3.37 18.02 -24.31
CA ASN B 287 3.60 18.18 -25.75
C ASN B 287 2.36 17.83 -26.55
N VAL B 288 1.56 16.90 -26.05
CA VAL B 288 0.34 16.54 -26.74
C VAL B 288 -0.60 17.75 -26.68
N VAL B 289 -0.65 18.39 -25.52
CA VAL B 289 -1.50 19.58 -25.37
C VAL B 289 -1.03 20.66 -26.35
N ALA B 290 0.27 20.88 -26.41
CA ALA B 290 0.85 21.89 -27.29
C ALA B 290 0.49 21.63 -28.75
N ARG B 291 0.49 20.36 -29.12
CA ARG B 291 0.17 19.94 -30.48
C ARG B 291 -1.30 20.24 -30.76
N LEU B 292 -2.16 19.90 -29.81
CA LEU B 292 -3.59 20.13 -29.94
C LEU B 292 -3.87 21.62 -30.04
N GLN B 293 -3.06 22.43 -29.37
CA GLN B 293 -3.27 23.86 -29.40
C GLN B 293 -2.95 24.48 -30.76
N GLN B 294 -1.91 24.00 -31.43
CA GLN B 294 -1.63 24.56 -32.74
C GLN B 294 -2.64 24.00 -33.72
N LEU B 295 -3.40 23.01 -33.25
CA LEU B 295 -4.45 22.39 -34.04
C LEU B 295 -5.77 23.05 -33.70
N GLY B 296 -5.72 24.10 -32.87
CA GLY B 296 -6.93 24.83 -32.52
C GLY B 296 -7.42 24.80 -31.08
N GLY B 297 -6.89 23.89 -30.27
CA GLY B 297 -7.32 23.81 -28.89
C GLY B 297 -6.92 24.98 -28.03
N GLY B 298 -7.69 25.24 -26.98
CA GLY B 298 -7.38 26.33 -26.07
C GLY B 298 -6.55 25.81 -24.91
N GLU B 299 -6.55 26.55 -23.80
CA GLU B 299 -5.79 26.15 -22.62
C GLU B 299 -6.37 24.88 -22.02
N ALA B 300 -5.49 23.97 -21.60
CA ALA B 300 -5.92 22.69 -21.02
C ALA B 300 -6.58 22.85 -19.65
N ILE B 301 -7.76 22.26 -19.50
CA ILE B 301 -8.48 22.31 -18.24
C ILE B 301 -8.34 20.99 -17.50
N PRO B 302 -7.70 21.00 -16.32
CA PRO B 302 -7.53 19.77 -15.55
C PRO B 302 -8.84 19.41 -14.84
N LEU B 303 -9.28 18.17 -14.98
CA LEU B 303 -10.51 17.76 -14.31
C LEU B 303 -10.25 17.46 -12.84
N GLU B 304 -11.32 17.52 -12.04
CA GLU B 304 -11.22 17.23 -10.62
C GLU B 304 -11.04 15.73 -10.46
N GLY B 305 -10.17 15.32 -9.54
CA GLY B 305 -9.97 13.89 -9.38
C GLY B 305 -9.49 13.44 -8.02
N ARG B 306 -9.51 12.13 -7.81
CA ARG B 306 -9.07 11.53 -6.57
C ARG B 306 -7.56 11.78 -6.41
N GLU B 307 -7.16 12.22 -5.22
CA GLU B 307 -5.75 12.49 -4.98
C GLU B 307 -5.00 11.22 -4.59
N GLU B 308 -3.82 11.03 -5.13
CA GLU B 308 -3.00 9.86 -4.81
C GLU B 308 -1.86 10.34 -3.93
N ASN B 309 -1.55 9.59 -2.87
CA ASN B 309 -0.48 9.97 -1.96
C ASN B 309 0.58 8.91 -1.74
N ILE B 310 0.47 7.78 -2.44
CA ILE B 310 1.43 6.71 -2.25
C ILE B 310 2.74 6.91 -3.00
N VAL B 311 3.85 6.67 -2.31
CA VAL B 311 5.18 6.77 -2.90
C VAL B 311 5.99 5.55 -2.47
N PHE B 312 6.74 4.98 -3.41
CA PHE B 312 7.59 3.83 -3.12
C PHE B 312 9.05 4.26 -3.31
N GLU B 313 9.83 4.25 -2.24
CA GLU B 313 11.23 4.68 -2.34
C GLU B 313 12.15 3.64 -2.97
N VAL B 314 13.23 4.12 -3.57
CA VAL B 314 14.21 3.23 -4.20
C VAL B 314 15.00 2.62 -3.05
N PRO B 315 15.64 1.46 -3.28
CA PRO B 315 16.41 0.88 -2.18
C PRO B 315 17.48 1.85 -1.70
N LYS B 316 17.75 1.84 -0.40
CA LYS B 316 18.73 2.74 0.20
C LYS B 316 20.04 2.75 -0.58
N GLU B 317 20.44 1.59 -1.07
CA GLU B 317 21.66 1.47 -1.85
C GLU B 317 21.72 2.41 -3.05
N LEU B 318 20.56 2.71 -3.61
CA LEU B 318 20.51 3.57 -4.79
C LEU B 318 20.09 5.02 -4.56
N ARG B 319 20.26 5.50 -3.33
CA ARG B 319 19.91 6.88 -3.04
C ARG B 319 20.93 7.82 -3.69
N VAL B 320 20.46 8.95 -4.22
CA VAL B 320 21.33 9.92 -4.86
C VAL B 320 21.12 11.31 -4.28
#